data_1SC7
#
_entry.id   1SC7
#
_cell.length_a   260.940
_cell.length_b   74.659
_cell.length_c   57.494
_cell.angle_alpha   90.00
_cell.angle_beta   96.94
_cell.angle_gamma   90.00
#
_symmetry.space_group_name_H-M   'C 1 2 1'
#
loop_
_entity.id
_entity.type
_entity.pdbx_description
1 polymer "5'-D(*AP*AP*AP*AP*AP*GP*AP*CP*TP*T)-3'"
2 polymer "5'-D(*(TGP)P*GP*AP*AP*AP*AP*AP*TP*TP*TP*TP*T)-3'"
3 polymer "5'-D(*AP*AP*AP*AP*AP*TP*TP*TP*TP*TP*CP*CP*AP*AP*GP*TP*CP*TP*TP*TP*TP*T)-3'"
4 polymer 'DNA topoisomerase I'
5 non-polymer 4-(5,11-DIOXO-5H-INDENO[1,2-C]ISOQUINOLIN-6(11H)-YL)BUTANOATE
6 non-polymer 'TETRAETHYLENE GLYCOL'
#
loop_
_entity_poly.entity_id
_entity_poly.type
_entity_poly.pdbx_seq_one_letter_code
_entity_poly.pdbx_strand_id
1 'polydeoxyribonucleotide' (DA)(DA)(DA)(DA)(DA)(DG)(DA)(DC)(DT)(DT) B
2 'polydeoxyribonucleotide' (TGP)(DG)(DA)(DA)(DA)(DA)(DA)(DT)(DT)(DT)(DT)(DT) C
3 'polydeoxyribonucleotide'
;(DA)(DA)(DA)(DA)(DA)(DT)(DT)(DT)(DT)(DT)(DC)(DC)(DA)(DA)(DG)(DT)(DC)(DT)(DT)(DT)
(DT)(DT)
;
D
4 'polypeptide(L)'
;KKPKNKDKDKKVPEPDNKKKKPKKEEEQKWKWWEEERYPEGIKWKFLEHKGPVFAPPYEPLPENVKFYYDGKVMKLSPKA
EEVATFFAKMLDHEYTTKEIFRKNFFKDWRKEMTNEEKNIITNLSKCDFTQMSQYFKAQTEARKQMSKEEKLKIKEENEK
LLKEYGFCIMDNHKERIANFKIEPPGLFRGRGNHPKMGMLKRRIMPEDIIINCSKDAKVPSPPPGHKWKEVRHDNKVTWL
VSWTENIQGSIKYIMLNPSSRIKGEKDWQKYETARRLKKCVDKIRNQYREDWKSKEMKVRQRAVALYFIDKLALRAGNEK
EEGETADTVGCCSLRVEHINLHPELDGQEYVVEFDFLGKDSIRYYNKVPVEKRVFKNLQLFMENKQPEDDLFDRLNTGIL
NKHLQDLMEGLTAKVFRTYNASITLQQQLKELTAPDENIPAKILSYNRANRAVAILCNHQRAPPKTFEKSMMNLQTKIDA
KKEQLADARRDLKSAKADAKVMKDAKTKKVVESKKKAVQRLEEQLMKLEVQATDREENKQIALGTSKLN(PTR)LDPRIT
VAWCKKWGVPIEKIYNKTQREKFAWAIDMADEDYEF
;
A
#
loop_
_chem_comp.id
_chem_comp.type
_chem_comp.name
_chem_comp.formula
DA DNA linking 2'-DEOXYADENOSINE-5'-MONOPHOSPHATE 'C10 H14 N5 O6 P'
DC DNA linking 2'-DEOXYCYTIDINE-5'-MONOPHOSPHATE 'C9 H14 N3 O7 P'
DG DNA linking 2'-DEOXYGUANOSINE-5'-MONOPHOSPHATE 'C10 H14 N5 O7 P'
DT DNA linking THYMIDINE-5'-MONOPHOSPHATE 'C10 H15 N2 O8 P'
M38 non-polymer 4-(5,11-DIOXO-5H-INDENO[1,2-C]ISOQUINOLIN-6(11H)-YL)BUTANOATE 'C20 H15 N O4'
PG4 non-polymer 'TETRAETHYLENE GLYCOL' 'C8 H18 O5'
TGP DNA linking '5'-THIO-2'-DEOXY-GUANOSINE PHOSPHONIC ACID' 'C10 H14 N5 O6 P S'
#
# COMPACT_ATOMS: atom_id res chain seq x y z
S5' TGP B 1 -1.47 3.85 2.81
N9 TGP B 1 -0.21 -1.25 2.91
C4 TGP B 1 -0.59 -2.45 3.45
N3 TGP B 1 -1.50 -3.30 2.91
C2 TGP B 1 -1.62 -4.40 3.63
N2 TGP B 1 -2.46 -5.35 3.21
N1 TGP B 1 -0.94 -4.64 4.80
C6 TGP B 1 -0.01 -3.77 5.36
O6 TGP B 1 0.55 -4.06 6.43
C5 TGP B 1 0.15 -2.60 4.59
N7 TGP B 1 0.98 -1.51 4.80
C8 TGP B 1 0.73 -0.72 3.78
C2' TGP B 1 -2.10 -0.09 1.81
C5' TGP B 1 -0.28 2.48 2.59
C4' TGP B 1 -0.58 1.69 1.33
O4' TGP B 1 0.17 0.45 1.39
C1' TGP B 1 -0.68 -0.64 1.68
C3' TGP B 1 -2.04 1.25 1.12
O3' TGP B 1 -2.32 1.11 -0.29
N GLU D 26 11.68 13.28 27.27
CA GLU D 26 12.11 14.63 26.82
C GLU D 26 12.23 14.75 25.29
N GLU D 27 11.61 15.79 24.74
CA GLU D 27 11.60 16.09 23.29
C GLU D 27 13.00 16.46 22.73
N GLN D 28 13.53 15.57 21.87
CA GLN D 28 14.85 15.74 21.26
C GLN D 28 14.83 16.06 19.75
N LYS D 29 14.34 15.10 18.96
CA LYS D 29 14.24 15.17 17.48
C LYS D 29 15.56 15.16 16.71
N TRP D 30 15.98 13.96 16.29
CA TRP D 30 17.23 13.76 15.54
C TRP D 30 17.06 14.08 14.07
N LYS D 31 18.06 14.76 13.53
CA LYS D 31 18.10 15.13 12.14
C LYS D 31 19.20 14.36 11.40
N TRP D 32 18.95 13.07 11.16
CA TRP D 32 19.89 12.18 10.48
C TRP D 32 20.40 12.57 9.10
N TRP D 33 19.72 13.52 8.47
CA TRP D 33 20.06 13.98 7.14
C TRP D 33 21.25 14.90 7.08
N GLU D 34 21.55 15.55 8.22
CA GLU D 34 22.69 16.45 8.32
C GLU D 34 24.02 15.72 8.60
N GLU D 35 23.94 14.43 8.93
CA GLU D 35 25.10 13.59 9.22
C GLU D 35 25.69 13.04 7.92
N GLU D 36 26.86 12.42 8.02
CA GLU D 36 27.52 11.81 6.86
C GLU D 36 27.04 10.38 6.62
N ARG D 37 27.11 9.95 5.36
CA ARG D 37 26.70 8.61 4.94
C ARG D 37 27.82 7.60 5.18
N TYR D 38 27.45 6.32 5.28
CA TYR D 38 28.42 5.24 5.50
C TYR D 38 28.98 4.75 4.14
N PRO D 39 30.30 4.44 4.07
CA PRO D 39 30.91 3.95 2.82
C PRO D 39 30.41 2.57 2.42
N GLU D 40 30.12 2.41 1.13
CA GLU D 40 29.63 1.18 0.47
C GLU D 40 29.49 -0.13 1.25
N GLY D 41 28.25 -0.62 1.32
CA GLY D 41 27.96 -1.86 2.00
C GLY D 41 27.45 -1.74 3.42
N ILE D 42 28.28 -1.15 4.29
CA ILE D 42 27.97 -0.96 5.71
C ILE D 42 26.68 -0.17 5.99
N LYS D 43 25.79 -0.82 6.74
CA LYS D 43 24.50 -0.25 7.10
C LYS D 43 24.47 0.28 8.54
N TRP D 44 25.35 -0.28 9.38
CA TRP D 44 25.48 0.10 10.79
C TRP D 44 26.78 -0.37 11.45
N LYS D 45 27.00 0.03 12.71
CA LYS D 45 28.17 -0.39 13.48
C LYS D 45 27.72 -0.97 14.83
N PHE D 46 26.55 -0.54 15.29
CA PHE D 46 25.98 -1.03 16.55
C PHE D 46 24.50 -1.37 16.35
N LEU D 47 24.04 -2.47 16.96
CA LEU D 47 22.65 -2.93 16.88
C LEU D 47 22.25 -3.84 18.04
N GLU D 48 21.21 -3.43 18.78
CA GLU D 48 20.69 -4.19 19.91
C GLU D 48 19.16 -4.12 19.96
N HIS D 49 18.54 -5.28 20.18
CA HIS D 49 17.08 -5.41 20.28
C HIS D 49 16.68 -6.55 21.21
N LYS D 50 15.45 -6.52 21.70
CA LYS D 50 14.97 -7.55 22.61
C LYS D 50 14.31 -8.74 21.90
N GLY D 51 14.62 -8.87 20.60
CA GLY D 51 14.08 -9.94 19.78
C GLY D 51 12.62 -9.80 19.36
N PRO D 52 12.05 -10.80 18.64
CA PRO D 52 10.65 -10.72 18.22
C PRO D 52 9.65 -11.14 19.32
N VAL D 53 8.37 -10.95 19.04
CA VAL D 53 7.29 -11.33 19.96
C VAL D 53 6.43 -12.42 19.30
N PHE D 54 6.48 -13.61 19.90
CA PHE D 54 5.73 -14.75 19.42
C PHE D 54 4.25 -14.68 19.76
N ALA D 55 3.44 -15.21 18.85
CA ALA D 55 2.00 -15.26 18.98
C ALA D 55 1.64 -16.11 20.20
N PRO D 56 0.67 -15.66 21.03
CA PRO D 56 0.26 -16.40 22.24
C PRO D 56 -0.12 -17.85 21.95
N PRO D 57 0.40 -18.82 22.75
CA PRO D 57 0.09 -20.26 22.56
C PRO D 57 -1.40 -20.58 22.44
N TYR D 58 -1.69 -21.63 21.67
CA TYR D 58 -3.04 -22.09 21.41
C TYR D 58 -3.84 -22.51 22.65
N GLU D 59 -5.02 -21.91 22.81
CA GLU D 59 -5.93 -22.23 23.91
C GLU D 59 -7.00 -23.14 23.31
N PRO D 60 -7.05 -24.42 23.74
CA PRO D 60 -8.03 -25.38 23.22
C PRO D 60 -9.49 -25.04 23.48
N LEU D 61 -10.36 -25.43 22.52
CA LEU D 61 -11.80 -25.21 22.57
C LEU D 61 -12.44 -25.85 23.81
N PRO D 62 -13.41 -25.16 24.46
CA PRO D 62 -14.07 -25.72 25.64
C PRO D 62 -14.93 -26.97 25.39
N GLU D 63 -15.47 -27.53 26.46
CA GLU D 63 -16.30 -28.74 26.40
C GLU D 63 -17.58 -28.69 25.54
N ASN D 64 -18.33 -27.59 25.63
CA ASN D 64 -19.59 -27.46 24.87
C ASN D 64 -19.49 -27.18 23.36
N VAL D 65 -18.27 -26.96 22.87
CA VAL D 65 -18.03 -26.72 21.45
C VAL D 65 -17.63 -28.07 20.82
N LYS D 66 -18.54 -28.58 20.01
CA LYS D 66 -18.40 -29.87 19.37
C LYS D 66 -18.08 -29.87 17.87
N PHE D 67 -17.30 -30.87 17.46
CA PHE D 67 -16.92 -31.09 16.06
C PHE D 67 -17.55 -32.43 15.66
N TYR D 68 -18.29 -32.43 14.55
CA TYR D 68 -18.95 -33.64 14.08
C TYR D 68 -18.43 -34.17 12.75
N TYR D 69 -18.12 -35.46 12.71
CA TYR D 69 -17.67 -36.11 11.49
C TYR D 69 -18.69 -37.18 11.15
N ASP D 70 -19.36 -37.02 10.00
CA ASP D 70 -20.40 -37.91 9.48
C ASP D 70 -21.57 -38.02 10.48
N GLY D 71 -21.82 -36.91 11.18
CA GLY D 71 -22.89 -36.86 12.16
C GLY D 71 -22.41 -37.22 13.56
N LYS D 72 -21.50 -38.20 13.67
CA LYS D 72 -20.94 -38.65 14.95
C LYS D 72 -20.05 -37.57 15.57
N VAL D 73 -20.00 -37.54 16.90
CA VAL D 73 -19.21 -36.57 17.63
C VAL D 73 -17.78 -37.06 17.83
N MET D 74 -16.82 -36.12 17.83
CA MET D 74 -15.41 -36.41 18.10
C MET D 74 -14.63 -35.16 18.51
N LYS D 75 -13.64 -35.37 19.37
CA LYS D 75 -12.77 -34.31 19.87
C LYS D 75 -11.40 -34.50 19.22
N LEU D 76 -10.94 -33.50 18.50
CA LEU D 76 -9.64 -33.53 17.82
C LEU D 76 -8.50 -33.13 18.75
N SER D 77 -7.29 -33.63 18.45
CA SER D 77 -6.06 -33.33 19.21
C SER D 77 -5.69 -31.83 19.06
N PRO D 78 -4.84 -31.24 19.95
CA PRO D 78 -4.47 -29.83 19.84
C PRO D 78 -3.87 -29.28 18.54
N LYS D 79 -3.04 -30.08 17.87
CA LYS D 79 -2.42 -29.65 16.61
C LYS D 79 -3.41 -29.70 15.43
N ALA D 80 -4.32 -30.65 15.46
CA ALA D 80 -5.35 -30.83 14.42
C ALA D 80 -6.62 -29.99 14.65
N GLU D 81 -6.84 -29.58 15.90
CA GLU D 81 -8.00 -28.76 16.26
C GLU D 81 -7.70 -27.32 15.88
N GLU D 82 -6.43 -26.94 16.03
CA GLU D 82 -5.97 -25.59 15.73
C GLU D 82 -6.12 -25.29 14.24
N VAL D 83 -5.91 -26.32 13.42
CA VAL D 83 -6.02 -26.19 11.97
C VAL D 83 -7.47 -26.21 11.55
N ALA D 84 -8.32 -26.77 12.41
CA ALA D 84 -9.74 -26.83 12.16
C ALA D 84 -10.38 -25.49 12.46
N THR D 85 -9.89 -24.81 13.51
CA THR D 85 -10.43 -23.50 13.93
C THR D 85 -10.30 -22.45 12.83
N PHE D 86 -9.17 -22.50 12.14
CA PHE D 86 -8.83 -21.58 11.05
C PHE D 86 -9.82 -21.67 9.89
N PHE D 87 -10.23 -22.91 9.57
CA PHE D 87 -11.18 -23.17 8.49
C PHE D 87 -12.57 -22.69 8.92
N ALA D 88 -12.92 -22.98 10.17
CA ALA D 88 -14.21 -22.60 10.74
C ALA D 88 -14.41 -21.09 10.78
N LYS D 89 -13.33 -20.35 11.00
CA LYS D 89 -13.35 -18.88 11.04
C LYS D 89 -13.49 -18.29 9.64
N MET D 90 -13.02 -19.00 8.62
CA MET D 90 -13.07 -18.53 7.23
C MET D 90 -14.34 -18.94 6.47
N LEU D 91 -15.10 -19.86 7.07
CA LEU D 91 -16.33 -20.45 6.52
C LEU D 91 -17.41 -19.56 5.91
N ASP D 92 -17.43 -18.26 6.24
CA ASP D 92 -18.42 -17.32 5.69
C ASP D 92 -18.12 -17.04 4.23
N HIS D 93 -16.83 -17.08 3.92
CA HIS D 93 -16.28 -16.80 2.60
C HIS D 93 -16.56 -17.73 1.43
N GLU D 94 -16.34 -17.15 0.26
CA GLU D 94 -16.52 -17.75 -1.04
C GLU D 94 -15.41 -18.75 -1.37
N TYR D 95 -14.18 -18.43 -0.97
CA TYR D 95 -13.05 -19.29 -1.25
C TYR D 95 -13.05 -20.69 -0.65
N THR D 96 -13.75 -20.87 0.48
CA THR D 96 -13.84 -22.18 1.12
C THR D 96 -14.72 -23.17 0.35
N THR D 97 -15.23 -22.76 -0.81
CA THR D 97 -16.02 -23.68 -1.63
C THR D 97 -15.23 -24.07 -2.85
N LYS D 98 -14.12 -23.34 -3.12
CA LYS D 98 -13.23 -23.59 -4.26
C LYS D 98 -12.48 -24.92 -4.13
N GLU D 99 -12.32 -25.65 -5.24
CA GLU D 99 -11.64 -26.95 -5.18
C GLU D 99 -10.17 -26.91 -4.76
N ILE D 100 -9.37 -25.99 -5.30
CA ILE D 100 -7.94 -25.89 -4.97
C ILE D 100 -7.72 -25.59 -3.49
N PHE D 101 -8.60 -24.77 -2.92
CA PHE D 101 -8.54 -24.38 -1.51
C PHE D 101 -8.76 -25.60 -0.64
N ARG D 102 -9.84 -26.32 -0.91
CA ARG D 102 -10.20 -27.50 -0.15
C ARG D 102 -9.27 -28.68 -0.31
N LYS D 103 -8.54 -28.72 -1.44
CA LYS D 103 -7.57 -29.78 -1.72
C LYS D 103 -6.36 -29.51 -0.86
N ASN D 104 -5.86 -28.27 -0.96
CA ASN D 104 -4.70 -27.82 -0.22
C ASN D 104 -4.87 -27.89 1.28
N PHE D 105 -5.97 -27.33 1.78
CA PHE D 105 -6.31 -27.30 3.22
C PHE D 105 -6.27 -28.68 3.82
N PHE D 106 -6.91 -29.61 3.12
CA PHE D 106 -6.99 -31.00 3.56
C PHE D 106 -5.67 -31.74 3.56
N LYS D 107 -4.77 -31.39 2.64
CA LYS D 107 -3.48 -32.06 2.58
C LYS D 107 -2.70 -31.63 3.81
N ASP D 108 -2.81 -30.35 4.16
CA ASP D 108 -2.14 -29.78 5.30
C ASP D 108 -2.83 -30.09 6.63
N TRP D 109 -4.11 -30.47 6.58
CA TRP D 109 -4.83 -30.82 7.79
C TRP D 109 -4.43 -32.22 8.21
N ARG D 110 -4.46 -33.16 7.27
CA ARG D 110 -4.09 -34.55 7.49
C ARG D 110 -2.68 -34.70 8.05
N LYS D 111 -1.78 -33.82 7.61
CA LYS D 111 -0.38 -33.79 8.03
C LYS D 111 -0.23 -33.52 9.52
N GLU D 112 -1.11 -32.67 10.02
CA GLU D 112 -1.15 -32.26 11.42
C GLU D 112 -2.02 -33.18 12.33
N MET D 113 -2.52 -34.29 11.79
CA MET D 113 -3.38 -35.23 12.53
C MET D 113 -2.62 -36.42 13.11
N THR D 114 -3.30 -37.17 13.97
CA THR D 114 -2.76 -38.38 14.60
C THR D 114 -3.07 -39.53 13.66
N ASN D 115 -2.64 -40.75 13.99
CA ASN D 115 -2.90 -41.90 13.13
C ASN D 115 -4.35 -42.39 13.18
N GLU D 116 -5.04 -42.09 14.28
CA GLU D 116 -6.43 -42.46 14.51
C GLU D 116 -7.33 -41.55 13.67
N GLU D 117 -7.06 -40.25 13.74
CA GLU D 117 -7.80 -39.23 13.00
C GLU D 117 -7.67 -39.38 11.49
N LYS D 118 -6.47 -39.70 11.03
CA LYS D 118 -6.16 -39.90 9.60
C LYS D 118 -6.97 -41.05 9.03
N ASN D 119 -7.21 -42.05 9.86
CA ASN D 119 -7.95 -43.24 9.46
C ASN D 119 -9.46 -43.04 9.43
N ILE D 120 -9.98 -42.17 10.31
CA ILE D 120 -11.42 -41.89 10.35
C ILE D 120 -11.76 -40.81 9.32
N ILE D 121 -11.11 -39.65 9.46
CA ILE D 121 -11.32 -38.51 8.57
C ILE D 121 -10.68 -38.75 7.20
N THR D 122 -11.52 -39.13 6.25
CA THR D 122 -11.09 -39.41 4.88
C THR D 122 -11.36 -38.26 3.94
N ASN D 123 -12.38 -37.46 4.24
CA ASN D 123 -12.77 -36.32 3.41
C ASN D 123 -13.25 -35.13 4.23
N LEU D 124 -13.06 -33.94 3.66
CA LEU D 124 -13.45 -32.68 4.28
C LEU D 124 -14.97 -32.48 4.25
N SER D 125 -15.64 -33.12 3.30
CA SER D 125 -17.07 -32.96 3.12
C SER D 125 -18.00 -33.47 4.21
N LYS D 126 -17.56 -34.51 4.92
CA LYS D 126 -18.32 -35.10 6.02
C LYS D 126 -18.05 -34.41 7.37
N CYS D 127 -17.10 -33.46 7.36
CA CYS D 127 -16.73 -32.70 8.55
C CYS D 127 -17.70 -31.54 8.73
N ASP D 128 -18.30 -31.46 9.92
CA ASP D 128 -19.25 -30.39 10.23
C ASP D 128 -18.60 -29.39 11.17
N PHE D 129 -18.45 -28.15 10.68
CA PHE D 129 -17.84 -27.07 11.44
C PHE D 129 -18.87 -26.02 11.86
N THR D 130 -20.16 -26.31 11.65
CA THR D 130 -21.25 -25.38 11.97
C THR D 130 -21.48 -25.00 13.45
N GLN D 131 -20.66 -25.56 14.33
CA GLN D 131 -20.75 -25.25 15.76
C GLN D 131 -19.52 -24.48 16.24
N MET D 132 -18.44 -24.58 15.48
CA MET D 132 -17.18 -23.88 15.76
C MET D 132 -17.22 -22.48 15.14
N SER D 133 -17.94 -22.36 14.02
CA SER D 133 -18.11 -21.11 13.28
C SER D 133 -19.05 -20.16 14.05
N GLN D 134 -19.79 -20.71 15.02
CA GLN D 134 -20.72 -19.92 15.83
C GLN D 134 -20.10 -19.50 17.16
N TYR D 135 -19.18 -20.31 17.67
CA TYR D 135 -18.48 -20.01 18.93
C TYR D 135 -17.59 -18.80 18.72
N PHE D 136 -16.86 -18.78 17.60
CA PHE D 136 -15.96 -17.68 17.28
C PHE D 136 -16.68 -16.38 16.92
N LYS D 137 -17.99 -16.49 16.67
CA LYS D 137 -18.87 -15.35 16.38
C LYS D 137 -19.51 -14.86 17.68
N ALA D 138 -19.55 -15.75 18.68
CA ALA D 138 -20.11 -15.45 20.00
C ALA D 138 -18.99 -14.96 20.91
N GLN D 139 -17.75 -15.29 20.54
CA GLN D 139 -16.56 -14.89 21.28
C GLN D 139 -16.16 -13.48 20.81
N THR D 140 -16.68 -13.06 19.65
CA THR D 140 -16.43 -11.72 19.08
C THR D 140 -17.36 -10.68 19.73
N GLU D 141 -18.59 -11.11 20.05
CA GLU D 141 -19.61 -10.26 20.70
C GLU D 141 -19.20 -9.86 22.12
N ALA D 142 -18.64 -10.83 22.85
CA ALA D 142 -18.19 -10.67 24.22
C ALA D 142 -16.81 -10.02 24.31
N ARG D 143 -16.17 -9.85 23.14
CA ARG D 143 -14.84 -9.23 23.05
C ARG D 143 -15.01 -7.72 22.84
N LYS D 144 -16.05 -7.36 22.08
CA LYS D 144 -16.35 -5.95 21.81
C LYS D 144 -17.29 -5.32 22.84
N GLN D 145 -17.70 -6.13 23.82
CA GLN D 145 -18.58 -5.69 24.91
C GLN D 145 -17.96 -5.97 26.27
N MET D 146 -16.72 -5.52 26.45
CA MET D 146 -15.98 -5.68 27.72
C MET D 146 -16.27 -4.51 28.65
N SER D 147 -15.78 -4.59 29.90
CA SER D 147 -15.97 -3.53 30.89
C SER D 147 -14.83 -2.51 30.74
N LYS D 148 -15.02 -1.31 31.30
CA LYS D 148 -14.02 -0.24 31.24
C LYS D 148 -12.69 -0.58 31.91
N GLU D 149 -12.74 -1.44 32.93
CA GLU D 149 -11.53 -1.86 33.65
C GLU D 149 -10.80 -3.05 32.99
N GLU D 150 -11.54 -3.89 32.27
CA GLU D 150 -10.97 -5.06 31.57
C GLU D 150 -10.50 -4.74 30.15
N LYS D 151 -10.84 -3.55 29.68
CA LYS D 151 -10.46 -3.06 28.34
C LYS D 151 -9.23 -2.17 28.48
N LEU D 152 -9.13 -1.48 29.62
CA LEU D 152 -7.99 -0.60 29.91
C LEU D 152 -6.82 -1.42 30.48
N LYS D 153 -7.12 -2.67 30.84
CA LYS D 153 -6.11 -3.60 31.37
C LYS D 153 -5.33 -4.18 30.18
N ILE D 154 -6.04 -4.46 29.09
CA ILE D 154 -5.45 -5.01 27.87
C ILE D 154 -4.77 -3.91 27.02
N LYS D 155 -5.22 -2.67 27.21
CA LYS D 155 -4.69 -1.50 26.50
C LYS D 155 -3.32 -1.16 27.11
N GLU D 156 -3.11 -1.57 28.36
CA GLU D 156 -1.85 -1.35 29.05
C GLU D 156 -0.90 -2.53 28.87
N GLU D 157 -1.45 -3.67 28.42
CA GLU D 157 -0.67 -4.88 28.18
C GLU D 157 0.01 -4.82 26.81
N ASN D 158 -0.67 -4.18 25.85
CA ASN D 158 -0.18 -4.00 24.48
C ASN D 158 0.79 -2.82 24.41
N GLU D 159 0.66 -1.92 25.38
CA GLU D 159 1.48 -0.71 25.51
C GLU D 159 2.85 -0.97 26.14
N LYS D 160 2.94 -2.01 26.96
CA LYS D 160 4.21 -2.36 27.58
C LYS D 160 5.06 -3.23 26.63
N LEU D 161 4.38 -3.85 25.66
CA LEU D 161 5.03 -4.68 24.63
C LEU D 161 5.75 -3.77 23.65
N LEU D 162 5.07 -2.69 23.26
CA LEU D 162 5.56 -1.69 22.33
C LEU D 162 6.76 -0.98 22.95
N LYS D 163 6.71 -0.77 24.26
CA LYS D 163 7.76 -0.10 25.02
C LYS D 163 9.01 -0.96 25.17
N GLU D 164 8.82 -2.26 25.33
CA GLU D 164 9.95 -3.16 25.53
C GLU D 164 10.47 -3.96 24.33
N TYR D 165 9.64 -4.12 23.29
CA TYR D 165 10.05 -4.90 22.12
C TYR D 165 10.00 -4.14 20.82
N GLY D 166 9.14 -3.11 20.77
CA GLY D 166 8.96 -2.30 19.58
C GLY D 166 10.01 -1.26 19.25
N PHE D 167 11.06 -1.19 20.07
CA PHE D 167 12.16 -0.26 19.84
C PHE D 167 13.49 -1.00 19.81
N CYS D 168 14.49 -0.39 19.18
CA CYS D 168 15.81 -0.96 19.11
C CYS D 168 16.80 0.17 19.07
N ILE D 169 18.07 -0.15 19.32
CA ILE D 169 19.13 0.84 19.31
C ILE D 169 20.07 0.57 18.15
N MET D 170 20.14 1.50 17.23
CA MET D 170 21.01 1.36 16.08
C MET D 170 21.79 2.65 15.93
N ASP D 171 23.11 2.54 16.16
CA ASP D 171 24.09 3.62 16.05
C ASP D 171 23.78 4.87 16.85
N ASN D 172 24.01 4.79 18.17
CA ASN D 172 23.79 5.93 19.09
C ASN D 172 22.36 6.45 19.22
N HIS D 173 21.41 5.87 18.48
CA HIS D 173 20.02 6.31 18.52
C HIS D 173 18.98 5.22 18.61
N LYS D 174 17.87 5.54 19.25
CA LYS D 174 16.72 4.65 19.44
C LYS D 174 15.73 4.84 18.28
N GLU D 175 15.53 3.78 17.49
CA GLU D 175 14.63 3.80 16.34
C GLU D 175 13.50 2.81 16.58
N ARG D 176 12.36 3.07 15.95
CA ARG D 176 11.17 2.24 16.06
C ARG D 176 11.18 1.11 15.03
N ILE D 177 10.70 -0.07 15.45
CA ILE D 177 10.58 -1.29 14.65
C ILE D 177 9.15 -1.33 14.03
N ALA D 178 9.00 -1.92 12.85
CA ALA D 178 7.70 -2.00 12.20
C ALA D 178 6.86 -3.21 12.61
N ASN D 179 7.38 -4.39 12.30
CA ASN D 179 6.73 -5.66 12.58
C ASN D 179 7.52 -6.33 13.68
N PHE D 180 7.25 -5.99 14.95
CA PHE D 180 7.99 -6.64 16.06
C PHE D 180 7.41 -7.98 16.47
N LYS D 181 6.16 -8.21 16.10
CA LYS D 181 5.48 -9.46 16.40
C LYS D 181 5.38 -10.34 15.16
N ILE D 182 5.59 -11.64 15.36
CA ILE D 182 5.51 -12.62 14.28
C ILE D 182 4.02 -12.85 14.01
N GLU D 183 3.69 -13.20 12.77
CA GLU D 183 2.32 -13.47 12.36
C GLU D 183 1.86 -14.83 12.88
N PRO D 184 0.68 -14.89 13.54
CA PRO D 184 0.17 -16.18 14.05
C PRO D 184 -0.15 -17.17 12.90
N PRO D 185 -0.17 -18.49 13.17
CA PRO D 185 -0.48 -19.44 12.09
C PRO D 185 -1.92 -19.29 11.60
N GLY D 186 -2.11 -19.51 10.31
CA GLY D 186 -3.43 -19.41 9.73
C GLY D 186 -3.42 -20.09 8.39
N LEU D 187 -4.50 -19.90 7.64
CA LEU D 187 -4.59 -20.47 6.30
C LEU D 187 -4.19 -19.44 5.30
N PHE D 188 -3.39 -19.90 4.34
CA PHE D 188 -2.92 -19.05 3.28
C PHE D 188 -4.08 -18.72 2.34
N ARG D 189 -4.08 -17.49 1.85
CA ARG D 189 -5.11 -17.04 0.94
C ARG D 189 -4.47 -16.27 -0.22
N GLY D 190 -3.73 -15.22 0.10
CA GLY D 190 -3.10 -14.42 -0.93
C GLY D 190 -4.10 -13.63 -1.76
N ARG D 191 -3.68 -13.21 -2.95
CA ARG D 191 -4.55 -12.44 -3.83
C ARG D 191 -4.80 -13.18 -5.15
N GLY D 192 -6.03 -13.10 -5.64
CA GLY D 192 -6.40 -13.74 -6.89
C GLY D 192 -6.58 -15.24 -6.83
N ASN D 193 -6.37 -15.92 -7.96
CA ASN D 193 -6.52 -17.37 -8.02
C ASN D 193 -5.18 -18.06 -7.72
N HIS D 194 -4.72 -17.92 -6.47
CA HIS D 194 -3.47 -18.50 -5.98
C HIS D 194 -3.54 -20.04 -5.92
N PRO D 195 -2.55 -20.74 -6.50
CA PRO D 195 -2.54 -22.21 -6.49
C PRO D 195 -2.24 -22.84 -5.14
N LYS D 196 -1.88 -22.00 -4.17
CA LYS D 196 -1.54 -22.47 -2.84
C LYS D 196 -2.49 -22.04 -1.74
N MET D 197 -3.66 -21.52 -2.11
CA MET D 197 -4.65 -21.07 -1.13
C MET D 197 -5.15 -22.24 -0.28
N GLY D 198 -5.18 -22.06 1.03
CA GLY D 198 -5.62 -23.11 1.92
C GLY D 198 -4.53 -23.78 2.70
N MET D 199 -3.30 -23.74 2.19
CA MET D 199 -2.15 -24.35 2.86
C MET D 199 -1.92 -23.69 4.23
N LEU D 200 -1.50 -24.51 5.21
CA LEU D 200 -1.24 -24.05 6.57
C LEU D 200 0.00 -23.17 6.62
N LYS D 201 -0.13 -21.97 7.20
CA LYS D 201 0.96 -21.00 7.33
C LYS D 201 2.03 -21.39 8.37
N ARG D 202 1.73 -22.39 9.20
CA ARG D 202 2.63 -22.95 10.23
C ARG D 202 3.20 -21.98 11.24
N ARG D 203 3.19 -22.40 12.51
CA ARG D 203 3.70 -21.58 13.61
C ARG D 203 5.22 -21.49 13.60
N ILE D 204 5.70 -20.25 13.75
CA ILE D 204 7.13 -19.97 13.78
C ILE D 204 7.62 -20.07 15.21
N MET D 205 8.50 -21.04 15.42
CA MET D 205 9.12 -21.32 16.72
C MET D 205 10.50 -20.62 16.73
N PRO D 206 11.10 -20.36 17.91
CA PRO D 206 12.42 -19.71 17.95
C PRO D 206 13.55 -20.43 17.20
N GLU D 207 13.39 -21.72 16.95
CA GLU D 207 14.39 -22.52 16.23
C GLU D 207 14.38 -22.29 14.72
N ASP D 208 13.55 -21.33 14.29
CA ASP D 208 13.43 -20.96 12.89
C ASP D 208 13.92 -19.53 12.75
N ILE D 209 14.10 -18.86 13.90
CA ILE D 209 14.52 -17.46 13.95
C ILE D 209 16.04 -17.25 13.94
N ILE D 210 16.50 -16.31 13.11
CA ILE D 210 17.91 -15.94 12.98
C ILE D 210 17.95 -14.50 13.51
N ILE D 211 18.78 -14.25 14.53
CA ILE D 211 18.94 -12.92 15.14
C ILE D 211 20.17 -12.18 14.65
N ASN D 212 19.99 -10.94 14.18
CA ASN D 212 21.08 -10.11 13.71
C ASN D 212 21.29 -8.94 14.66
N CYS D 213 22.52 -8.81 15.17
CA CYS D 213 22.90 -7.74 16.07
C CYS D 213 24.43 -7.56 16.09
N SER D 214 24.92 -6.57 16.82
CA SER D 214 26.35 -6.29 16.95
C SER D 214 27.05 -7.24 17.93
N LYS D 215 28.37 -7.33 17.80
CA LYS D 215 29.22 -8.18 18.65
C LYS D 215 29.20 -7.72 20.11
N ASP D 216 29.35 -6.41 20.29
CA ASP D 216 29.39 -5.77 21.60
C ASP D 216 28.03 -5.49 22.28
N ALA D 217 26.95 -5.93 21.64
CA ALA D 217 25.60 -5.73 22.13
C ALA D 217 25.05 -6.96 22.82
N LYS D 218 24.19 -6.74 23.80
CA LYS D 218 23.55 -7.83 24.55
C LYS D 218 22.57 -8.56 23.63
N VAL D 219 22.89 -9.82 23.36
CA VAL D 219 22.09 -10.71 22.52
C VAL D 219 20.75 -11.03 23.23
N PRO D 220 19.60 -10.92 22.53
CA PRO D 220 18.31 -11.22 23.16
C PRO D 220 18.20 -12.66 23.65
N SER D 221 17.69 -12.79 24.88
CA SER D 221 17.50 -14.08 25.52
C SER D 221 16.27 -14.76 24.89
N PRO D 222 16.42 -16.00 24.36
CA PRO D 222 15.31 -16.72 23.74
C PRO D 222 14.21 -17.10 24.73
N PRO D 223 12.93 -17.14 24.28
CA PRO D 223 11.78 -17.50 25.12
C PRO D 223 12.04 -18.82 25.82
N PRO D 224 11.81 -18.90 27.16
CA PRO D 224 12.02 -20.10 27.99
C PRO D 224 11.79 -21.48 27.37
N GLY D 225 12.88 -22.26 27.34
CA GLY D 225 12.84 -23.62 26.81
C GLY D 225 13.25 -23.77 25.38
N HIS D 226 13.53 -22.64 24.74
CA HIS D 226 13.91 -22.63 23.34
C HIS D 226 15.28 -22.02 23.12
N LYS D 227 15.72 -22.08 21.87
CA LYS D 227 17.00 -21.54 21.44
C LYS D 227 16.80 -20.98 20.04
N TRP D 228 17.61 -19.99 19.65
CA TRP D 228 17.52 -19.42 18.31
C TRP D 228 18.18 -20.37 17.30
N LYS D 229 17.94 -20.11 16.01
CA LYS D 229 18.52 -20.94 14.96
C LYS D 229 20.00 -20.61 14.90
N GLU D 230 20.29 -19.31 14.99
CA GLU D 230 21.66 -18.76 14.98
C GLU D 230 21.69 -17.25 15.21
N VAL D 231 22.82 -16.78 15.77
CA VAL D 231 23.03 -15.36 16.03
C VAL D 231 24.15 -14.88 15.10
N ARG D 232 23.83 -13.95 14.22
CA ARG D 232 24.83 -13.42 13.33
C ARG D 232 25.02 -11.93 13.40
N HIS D 233 26.24 -11.51 13.06
CA HIS D 233 26.64 -10.13 13.10
C HIS D 233 26.94 -9.67 11.68
N ASP D 234 25.89 -9.40 10.91
CA ASP D 234 26.06 -8.97 9.54
C ASP D 234 25.70 -7.51 9.35
N ASN D 235 26.71 -6.64 9.40
CA ASN D 235 26.53 -5.19 9.25
C ASN D 235 26.30 -4.71 7.82
N LYS D 236 26.24 -5.65 6.88
CA LYS D 236 26.01 -5.36 5.47
C LYS D 236 24.52 -5.37 5.16
N VAL D 237 23.72 -5.76 6.15
CA VAL D 237 22.27 -5.82 6.00
C VAL D 237 21.47 -4.96 7.00
N THR D 238 20.21 -4.74 6.65
CA THR D 238 19.24 -3.90 7.36
C THR D 238 18.42 -4.59 8.45
N TRP D 239 18.13 -5.88 8.27
CA TRP D 239 17.28 -6.64 9.18
C TRP D 239 17.75 -7.01 10.59
N LEU D 240 16.81 -7.08 11.52
CA LEU D 240 17.10 -7.45 12.91
C LEU D 240 16.79 -8.92 13.16
N VAL D 241 15.68 -9.39 12.60
CA VAL D 241 15.22 -10.79 12.76
C VAL D 241 14.83 -11.36 11.39
N SER D 242 15.11 -12.64 11.18
CA SER D 242 14.78 -13.32 9.93
C SER D 242 14.41 -14.77 10.11
N TRP D 243 13.52 -15.25 9.25
CA TRP D 243 13.06 -16.65 9.25
C TRP D 243 12.63 -17.06 7.84
N THR D 244 12.07 -18.26 7.72
CA THR D 244 11.60 -18.77 6.44
C THR D 244 10.14 -19.20 6.56
N GLU D 245 9.34 -18.77 5.59
CA GLU D 245 7.92 -19.11 5.53
C GLU D 245 7.79 -20.40 4.71
N ASN D 246 6.97 -21.33 5.20
CA ASN D 246 6.75 -22.64 4.55
C ASN D 246 5.95 -22.65 3.25
N ILE D 247 5.23 -21.57 2.96
CA ILE D 247 4.41 -21.47 1.76
C ILE D 247 5.20 -21.32 0.44
N GLN D 248 5.94 -20.21 0.32
CA GLN D 248 6.72 -19.91 -0.87
C GLN D 248 8.17 -20.37 -0.75
N GLY D 249 8.69 -20.35 0.47
CA GLY D 249 10.06 -20.75 0.72
C GLY D 249 10.99 -19.55 0.86
N SER D 250 10.42 -18.35 0.71
CA SER D 250 11.16 -17.09 0.79
C SER D 250 11.49 -16.71 2.24
N ILE D 251 12.39 -15.75 2.40
CA ILE D 251 12.81 -15.30 3.73
C ILE D 251 12.02 -14.06 4.14
N LYS D 252 11.47 -14.08 5.35
CA LYS D 252 10.72 -12.95 5.90
C LYS D 252 11.61 -12.16 6.88
N TYR D 253 11.42 -10.84 6.98
CA TYR D 253 12.24 -10.00 7.85
C TYR D 253 11.49 -9.04 8.79
N ILE D 254 12.23 -8.57 9.81
CA ILE D 254 11.75 -7.59 10.77
C ILE D 254 12.77 -6.47 10.65
N MET D 255 12.38 -5.43 9.92
CA MET D 255 13.21 -4.25 9.71
C MET D 255 12.56 -3.07 10.45
N LEU D 256 13.24 -1.92 10.42
CA LEU D 256 12.79 -0.71 11.09
C LEU D 256 11.68 0.04 10.37
N ASN D 257 10.90 0.81 11.13
CA ASN D 257 9.77 1.59 10.59
C ASN D 257 10.30 2.69 9.65
N PRO D 258 9.43 3.28 8.80
CA PRO D 258 9.91 4.31 7.89
C PRO D 258 10.48 5.62 8.45
N SER D 259 10.35 5.83 9.77
CA SER D 259 10.83 7.04 10.45
C SER D 259 12.33 7.04 10.69
N SER D 260 12.96 5.88 10.52
CA SER D 260 14.38 5.68 10.75
C SER D 260 15.33 6.13 9.65
N ARG D 261 16.62 6.21 9.99
CA ARG D 261 17.69 6.60 9.06
C ARG D 261 17.87 5.57 7.95
N ILE D 262 18.03 4.32 8.34
CA ILE D 262 18.24 3.20 7.40
C ILE D 262 17.22 3.15 6.27
N LYS D 263 15.94 3.34 6.63
CA LYS D 263 14.83 3.33 5.68
C LYS D 263 14.63 4.68 5.01
N GLY D 264 14.86 5.76 5.76
CA GLY D 264 14.69 7.10 5.24
C GLY D 264 15.75 7.56 4.26
N GLU D 265 16.99 7.09 4.45
CA GLU D 265 18.12 7.45 3.60
C GLU D 265 17.92 6.81 2.25
N LYS D 266 17.47 5.55 2.28
CA LYS D 266 17.21 4.77 1.09
C LYS D 266 16.01 5.33 0.32
N ASP D 267 15.09 5.99 1.04
CA ASP D 267 13.89 6.59 0.45
C ASP D 267 14.25 7.92 -0.24
N TRP D 268 15.25 8.62 0.30
CA TRP D 268 15.72 9.89 -0.23
C TRP D 268 16.53 9.62 -1.48
N GLN D 269 17.33 8.55 -1.48
CA GLN D 269 18.13 8.17 -2.63
C GLN D 269 17.30 7.64 -3.79
N LYS D 270 16.05 7.28 -3.50
CA LYS D 270 15.14 6.78 -4.53
C LYS D 270 14.66 7.97 -5.37
N TYR D 271 14.28 9.06 -4.68
CA TYR D 271 13.81 10.28 -5.32
C TYR D 271 14.95 11.09 -5.94
N GLU D 272 16.18 10.86 -5.47
CA GLU D 272 17.34 11.57 -5.99
C GLU D 272 17.76 10.95 -7.30
N THR D 273 17.51 9.65 -7.45
CA THR D 273 17.82 8.92 -8.68
C THR D 273 16.73 9.26 -9.70
N ALA D 274 15.55 9.61 -9.20
CA ALA D 274 14.42 9.99 -10.04
C ALA D 274 14.60 11.42 -10.56
N ARG D 275 15.35 12.24 -9.83
CA ARG D 275 15.64 13.62 -10.22
C ARG D 275 16.72 13.63 -11.31
N ARG D 276 17.63 12.68 -11.23
CA ARG D 276 18.73 12.55 -12.20
C ARG D 276 18.23 11.94 -13.49
N LEU D 277 17.01 11.40 -13.47
CA LEU D 277 16.41 10.83 -14.66
C LEU D 277 15.79 11.96 -15.46
N LYS D 278 15.24 12.96 -14.76
CA LYS D 278 14.61 14.11 -15.39
C LYS D 278 15.58 14.86 -16.30
N LYS D 279 16.85 14.87 -15.88
CA LYS D 279 17.92 15.54 -16.61
C LYS D 279 18.44 14.76 -17.83
N CYS D 280 17.97 13.52 -18.00
CA CYS D 280 18.38 12.67 -19.11
C CYS D 280 17.20 12.02 -19.82
N VAL D 281 15.99 12.33 -19.37
CA VAL D 281 14.76 11.75 -19.93
C VAL D 281 14.50 12.03 -21.40
N ASP D 282 14.92 13.20 -21.87
CA ASP D 282 14.73 13.56 -23.28
C ASP D 282 15.71 12.79 -24.17
N LYS D 283 16.95 12.62 -23.69
CA LYS D 283 18.00 11.88 -24.41
C LYS D 283 17.63 10.39 -24.52
N ILE D 284 16.97 9.88 -23.47
CA ILE D 284 16.52 8.48 -23.40
C ILE D 284 15.30 8.29 -24.30
N ARG D 285 14.42 9.28 -24.35
CA ARG D 285 13.21 9.23 -25.19
C ARG D 285 13.49 9.31 -26.68
N ASN D 286 14.52 10.04 -27.05
CA ASN D 286 14.91 10.18 -28.46
C ASN D 286 15.65 8.96 -28.96
N GLN D 287 16.42 8.32 -28.08
CA GLN D 287 17.21 7.12 -28.42
C GLN D 287 16.35 5.89 -28.64
N TYR D 288 15.31 5.71 -27.81
CA TYR D 288 14.43 4.55 -28.00
C TYR D 288 13.45 4.73 -29.15
N ARG D 289 13.20 6.00 -29.52
CA ARG D 289 12.30 6.34 -30.64
C ARG D 289 12.97 6.01 -31.97
N GLU D 290 14.29 6.09 -32.00
CA GLU D 290 15.05 5.77 -33.20
C GLU D 290 15.37 4.27 -33.20
N ASP D 291 15.30 3.64 -32.01
CA ASP D 291 15.55 2.22 -31.84
C ASP D 291 14.42 1.31 -32.33
N TRP D 292 13.29 1.91 -32.72
CA TRP D 292 12.14 1.16 -33.24
C TRP D 292 12.45 0.79 -34.68
N LYS D 293 13.30 1.60 -35.32
CA LYS D 293 13.72 1.41 -36.71
C LYS D 293 15.00 0.56 -36.84
N SER D 294 15.50 0.03 -35.72
CA SER D 294 16.72 -0.79 -35.70
C SER D 294 16.69 -2.08 -36.51
N LYS D 295 17.89 -2.58 -36.83
CA LYS D 295 18.08 -3.81 -37.63
C LYS D 295 17.86 -5.12 -36.86
N GLU D 296 18.00 -5.07 -35.54
CA GLU D 296 17.81 -6.25 -34.69
C GLU D 296 16.39 -6.23 -34.10
N MET D 297 15.76 -7.39 -34.07
CA MET D 297 14.40 -7.58 -33.55
C MET D 297 14.41 -7.46 -32.01
N LYS D 298 15.55 -7.80 -31.42
CA LYS D 298 15.77 -7.75 -29.97
C LYS D 298 15.80 -6.31 -29.46
N VAL D 299 16.41 -5.41 -30.22
CA VAL D 299 16.52 -4.00 -29.85
C VAL D 299 15.19 -3.24 -30.03
N ARG D 300 14.31 -3.80 -30.85
CA ARG D 300 12.99 -3.22 -31.12
C ARG D 300 12.07 -3.47 -29.92
N GLN D 301 12.05 -4.71 -29.46
CA GLN D 301 11.23 -5.16 -28.33
C GLN D 301 11.56 -4.42 -27.05
N ARG D 302 12.87 -4.27 -26.82
CA ARG D 302 13.42 -3.56 -25.67
C ARG D 302 12.97 -2.11 -25.64
N ALA D 303 12.91 -1.50 -26.83
CA ALA D 303 12.49 -0.11 -26.99
C ALA D 303 10.97 0.07 -26.87
N VAL D 304 10.21 -0.93 -27.30
CA VAL D 304 8.73 -0.90 -27.23
C VAL D 304 8.29 -1.17 -25.79
N ALA D 305 9.07 -1.99 -25.09
CA ALA D 305 8.83 -2.35 -23.69
C ALA D 305 9.08 -1.15 -22.82
N LEU D 306 10.18 -0.48 -23.12
CA LEU D 306 10.63 0.72 -22.44
C LEU D 306 9.70 1.88 -22.76
N TYR D 307 8.96 1.78 -23.86
CA TYR D 307 8.00 2.81 -24.26
C TYR D 307 6.76 2.69 -23.37
N PHE D 308 6.31 1.46 -23.15
CA PHE D 308 5.15 1.20 -22.32
C PHE D 308 5.42 1.41 -20.84
N ILE D 309 6.69 1.28 -20.45
CA ILE D 309 7.08 1.50 -19.07
C ILE D 309 7.10 3.01 -18.79
N ASP D 310 7.42 3.79 -19.82
CA ASP D 310 7.48 5.25 -19.73
C ASP D 310 6.09 5.90 -19.90
N LYS D 311 5.33 5.48 -20.91
CA LYS D 311 4.00 6.05 -21.22
C LYS D 311 2.85 5.64 -20.30
N LEU D 312 2.74 4.34 -20.03
CA LEU D 312 1.68 3.77 -19.21
C LEU D 312 2.04 3.49 -17.75
N ALA D 313 3.32 3.68 -17.40
CA ALA D 313 3.87 3.44 -16.06
C ALA D 313 3.68 2.00 -15.58
N LEU D 314 4.10 1.05 -16.42
CA LEU D 314 3.97 -0.37 -16.11
C LEU D 314 5.17 -0.90 -15.35
N ARG D 315 4.94 -1.98 -14.61
CA ARG D 315 6.00 -2.63 -13.84
C ARG D 315 6.86 -3.45 -14.80
N ALA D 316 8.15 -3.55 -14.48
CA ALA D 316 9.16 -4.27 -15.28
C ALA D 316 8.71 -5.63 -15.81
N GLY D 317 8.10 -6.41 -14.93
CA GLY D 317 7.59 -7.72 -15.30
C GLY D 317 8.54 -8.88 -15.15
N ASN D 318 8.72 -9.35 -13.91
CA ASN D 318 9.61 -10.45 -13.64
C ASN D 318 8.98 -11.80 -13.94
N GLU D 319 9.84 -12.76 -14.28
CA GLU D 319 9.44 -14.11 -14.61
C GLU D 319 9.27 -14.93 -13.34
N LYS D 320 8.03 -15.40 -13.15
CA LYS D 320 7.66 -16.17 -11.98
C LYS D 320 7.31 -17.61 -12.33
N GLU D 321 7.66 -18.53 -11.43
CA GLU D 321 7.43 -19.96 -11.61
C GLU D 321 5.97 -20.38 -11.62
N GLU D 322 5.62 -21.23 -12.60
CA GLU D 322 4.26 -21.73 -12.79
C GLU D 322 3.80 -22.63 -11.64
N GLY D 323 2.69 -22.23 -11.02
CA GLY D 323 2.12 -22.97 -9.90
C GLY D 323 2.56 -22.48 -8.53
N GLU D 324 3.51 -21.54 -8.49
CA GLU D 324 4.01 -20.99 -7.23
C GLU D 324 3.27 -19.73 -6.80
N THR D 325 2.67 -19.05 -7.77
CA THR D 325 1.89 -17.83 -7.55
C THR D 325 0.80 -17.75 -8.61
N ALA D 326 -0.15 -16.84 -8.42
CA ALA D 326 -1.27 -16.63 -9.35
C ALA D 326 -0.78 -16.04 -10.66
N ASP D 327 -1.45 -16.38 -11.75
CA ASP D 327 -1.13 -15.92 -13.10
C ASP D 327 -1.29 -14.39 -13.24
N THR D 328 -0.18 -13.66 -13.01
CA THR D 328 -0.15 -12.19 -13.13
C THR D 328 1.05 -11.80 -13.98
N VAL D 329 0.96 -10.68 -14.68
CA VAL D 329 2.05 -10.20 -15.54
C VAL D 329 2.42 -8.73 -15.38
N GLY D 330 3.59 -8.39 -15.90
CA GLY D 330 4.07 -7.02 -15.89
C GLY D 330 4.30 -6.68 -17.34
N CYS D 331 5.33 -5.88 -17.65
CA CYS D 331 5.62 -5.52 -19.03
C CYS D 331 6.35 -6.59 -19.84
N CYS D 332 7.51 -7.03 -19.38
CA CYS D 332 8.31 -8.04 -20.09
C CYS D 332 7.69 -9.43 -20.11
N SER D 333 6.69 -9.62 -19.25
CA SER D 333 5.97 -10.89 -19.10
C SER D 333 4.66 -11.01 -19.88
N LEU D 334 4.25 -9.93 -20.55
CA LEU D 334 3.02 -9.90 -21.35
C LEU D 334 2.99 -10.97 -22.43
N ARG D 335 1.79 -11.48 -22.73
CA ARG D 335 1.62 -12.48 -23.76
C ARG D 335 0.74 -11.93 -24.90
N VAL D 336 0.64 -12.70 -25.97
CA VAL D 336 -0.13 -12.35 -27.16
C VAL D 336 -1.64 -12.24 -26.87
N GLU D 337 -2.07 -12.82 -25.74
CA GLU D 337 -3.48 -12.81 -25.36
C GLU D 337 -3.87 -11.56 -24.57
N HIS D 338 -2.86 -10.83 -24.10
CA HIS D 338 -3.09 -9.63 -23.30
C HIS D 338 -3.29 -8.37 -24.10
N ILE D 339 -2.81 -8.36 -25.34
CA ILE D 339 -3.00 -7.20 -26.21
C ILE D 339 -3.80 -7.53 -27.46
N ASN D 340 -4.71 -6.62 -27.82
CA ASN D 340 -5.55 -6.75 -29.00
C ASN D 340 -5.33 -5.48 -29.80
N LEU D 341 -4.85 -5.65 -31.02
CA LEU D 341 -4.55 -4.54 -31.91
C LEU D 341 -5.73 -4.10 -32.79
N HIS D 342 -5.99 -2.79 -32.76
CA HIS D 342 -7.07 -2.17 -33.52
C HIS D 342 -6.59 -0.97 -34.36
N PRO D 343 -6.73 -1.04 -35.71
CA PRO D 343 -6.31 0.07 -36.57
C PRO D 343 -7.27 1.26 -36.43
N GLU D 344 -8.53 0.97 -36.14
CA GLU D 344 -9.58 1.98 -35.94
C GLU D 344 -9.90 2.12 -34.44
N LEU D 345 -11.18 2.05 -34.05
CA LEU D 345 -11.68 2.16 -32.65
C LEU D 345 -11.47 3.53 -31.95
N ASP D 346 -12.48 3.96 -31.20
CA ASP D 346 -12.52 5.23 -30.41
C ASP D 346 -12.49 6.55 -31.22
N GLY D 347 -12.43 6.42 -32.54
CA GLY D 347 -12.35 7.58 -33.41
C GLY D 347 -10.89 7.89 -33.71
N GLN D 348 -10.00 7.38 -32.85
CA GLN D 348 -8.55 7.54 -32.97
C GLN D 348 -7.93 6.33 -33.68
N GLU D 349 -6.73 6.54 -34.23
CA GLU D 349 -6.03 5.48 -34.97
C GLU D 349 -4.87 4.85 -34.21
N TYR D 350 -4.57 3.61 -34.60
CA TYR D 350 -3.50 2.78 -34.04
C TYR D 350 -3.64 2.54 -32.53
N VAL D 351 -4.77 1.97 -32.12
CA VAL D 351 -5.08 1.69 -30.72
C VAL D 351 -4.67 0.28 -30.26
N VAL D 352 -4.01 0.21 -29.10
CA VAL D 352 -3.57 -1.06 -28.51
C VAL D 352 -4.45 -1.26 -27.29
N GLU D 353 -5.31 -2.26 -27.35
CA GLU D 353 -6.23 -2.56 -26.25
C GLU D 353 -5.59 -3.55 -25.25
N PHE D 354 -5.25 -3.04 -24.07
CA PHE D 354 -4.65 -3.84 -23.00
C PHE D 354 -5.71 -4.44 -22.10
N ASP D 355 -5.55 -5.71 -21.76
CA ASP D 355 -6.47 -6.40 -20.86
C ASP D 355 -5.71 -7.53 -20.15
N PHE D 356 -5.16 -7.21 -18.99
CA PHE D 356 -4.40 -8.17 -18.17
C PHE D 356 -4.51 -7.94 -16.66
N LEU D 357 -3.95 -8.89 -15.90
CA LEU D 357 -3.91 -8.82 -14.44
C LEU D 357 -2.47 -8.54 -14.01
N GLY D 358 -2.27 -7.50 -13.19
CA GLY D 358 -0.94 -7.13 -12.72
C GLY D 358 -0.66 -7.56 -11.29
N LYS D 359 0.17 -6.79 -10.58
CA LYS D 359 0.52 -7.07 -9.17
C LYS D 359 -0.76 -7.06 -8.34
N ASP D 360 -0.82 -7.96 -7.36
CA ASP D 360 -1.96 -8.14 -6.42
C ASP D 360 -3.25 -8.56 -7.13
N SER D 361 -3.07 -9.06 -8.36
CA SER D 361 -4.11 -9.55 -9.25
C SER D 361 -5.20 -8.53 -9.64
N ILE D 362 -4.78 -7.27 -9.80
CA ILE D 362 -5.67 -6.17 -10.18
C ILE D 362 -5.62 -5.89 -11.70
N ARG D 363 -6.81 -5.97 -12.30
CA ARG D 363 -7.04 -5.78 -13.72
C ARG D 363 -6.61 -4.43 -14.28
N TYR D 364 -5.81 -4.49 -15.34
CA TYR D 364 -5.35 -3.29 -16.04
C TYR D 364 -6.05 -3.33 -17.40
N TYR D 365 -6.94 -2.36 -17.64
CA TYR D 365 -7.64 -2.27 -18.93
C TYR D 365 -7.47 -0.85 -19.45
N ASN D 366 -6.84 -0.71 -20.61
CA ASN D 366 -6.64 0.62 -21.21
C ASN D 366 -6.48 0.57 -22.73
N LYS D 367 -7.32 1.36 -23.42
CA LYS D 367 -7.29 1.49 -24.88
C LYS D 367 -6.49 2.77 -25.12
N VAL D 368 -5.23 2.60 -25.53
CA VAL D 368 -4.34 3.74 -25.74
C VAL D 368 -3.74 3.84 -27.15
N PRO D 369 -3.79 5.03 -27.77
CA PRO D 369 -3.23 5.20 -29.11
C PRO D 369 -1.70 5.31 -29.05
N VAL D 370 -1.04 4.51 -29.88
CA VAL D 370 0.41 4.52 -29.94
C VAL D 370 0.88 5.10 -31.26
N GLU D 371 2.19 5.31 -31.40
CA GLU D 371 2.77 5.88 -32.61
C GLU D 371 2.87 4.86 -33.75
N LYS D 372 2.89 5.38 -34.98
CA LYS D 372 2.98 4.63 -36.26
C LYS D 372 3.90 3.40 -36.24
N ARG D 373 5.14 3.58 -35.80
CA ARG D 373 6.13 2.51 -35.73
C ARG D 373 5.96 1.50 -34.59
N VAL D 374 5.26 1.89 -33.52
CA VAL D 374 5.02 1.01 -32.35
C VAL D 374 3.97 -0.05 -32.66
N PHE D 375 2.94 0.35 -33.40
CA PHE D 375 1.85 -0.54 -33.81
C PHE D 375 2.33 -1.63 -34.77
N LYS D 376 3.09 -1.23 -35.80
CA LYS D 376 3.62 -2.15 -36.82
C LYS D 376 4.77 -3.01 -36.30
N ASN D 377 5.14 -2.78 -35.04
CA ASN D 377 6.18 -3.52 -34.36
C ASN D 377 5.50 -4.62 -33.57
N LEU D 378 4.41 -4.29 -32.89
CA LEU D 378 3.63 -5.25 -32.10
C LEU D 378 2.94 -6.30 -32.97
N GLN D 379 2.81 -6.01 -34.27
CA GLN D 379 2.21 -6.93 -35.23
C GLN D 379 3.28 -7.96 -35.61
N LEU D 380 4.53 -7.51 -35.61
CA LEU D 380 5.67 -8.36 -35.92
C LEU D 380 6.03 -9.25 -34.72
N PHE D 381 5.65 -8.83 -33.51
CA PHE D 381 5.93 -9.61 -32.29
C PHE D 381 4.88 -10.67 -32.02
N MET D 382 3.65 -10.41 -32.47
CA MET D 382 2.52 -11.33 -32.31
C MET D 382 2.37 -12.35 -33.45
N GLU D 383 3.17 -12.16 -34.51
CA GLU D 383 3.16 -12.99 -35.71
C GLU D 383 3.48 -14.48 -35.50
N ASN D 384 2.59 -15.32 -36.05
CA ASN D 384 2.62 -16.79 -35.97
C ASN D 384 3.05 -17.40 -34.62
N LYS D 385 2.40 -16.86 -33.58
CA LYS D 385 2.59 -17.26 -32.19
C LYS D 385 1.23 -17.65 -31.66
N GLN D 386 1.22 -18.63 -30.76
CA GLN D 386 0.01 -19.11 -30.11
C GLN D 386 -0.34 -18.11 -28.99
N PRO D 387 -1.63 -18.00 -28.59
CA PRO D 387 -2.02 -17.06 -27.51
C PRO D 387 -1.28 -17.09 -26.16
N GLU D 388 -0.70 -18.24 -25.79
CA GLU D 388 0.03 -18.36 -24.52
C GLU D 388 1.55 -18.05 -24.62
N ASP D 389 2.01 -17.72 -25.83
CA ASP D 389 3.41 -17.38 -26.06
C ASP D 389 3.68 -15.94 -25.62
N ASP D 390 4.92 -15.68 -25.22
CA ASP D 390 5.34 -14.36 -24.76
C ASP D 390 5.50 -13.34 -25.86
N LEU D 391 4.80 -12.20 -25.71
CA LEU D 391 4.82 -11.07 -26.66
C LEU D 391 6.25 -10.57 -26.86
N PHE D 392 6.94 -10.38 -25.73
CA PHE D 392 8.31 -9.92 -25.73
C PHE D 392 9.32 -11.05 -25.52
N ASP D 393 9.41 -11.96 -26.49
CA ASP D 393 10.41 -13.04 -26.42
C ASP D 393 11.76 -12.33 -26.64
N ARG D 394 12.90 -12.98 -26.42
CA ARG D 394 14.23 -12.32 -26.57
C ARG D 394 14.39 -11.19 -25.54
N LEU D 395 13.40 -11.07 -24.65
CA LEU D 395 13.38 -10.04 -23.62
C LEU D 395 12.88 -10.52 -22.25
N ASN D 396 13.64 -10.14 -21.23
CA ASN D 396 13.31 -10.40 -19.84
C ASN D 396 13.76 -9.15 -19.10
N THR D 397 13.52 -9.11 -17.79
CA THR D 397 13.88 -7.97 -16.95
C THR D 397 15.38 -7.69 -16.82
N GLY D 398 16.19 -8.73 -16.95
CA GLY D 398 17.64 -8.60 -16.86
C GLY D 398 18.29 -7.83 -17.99
N ILE D 399 17.79 -8.05 -19.20
CA ILE D 399 18.28 -7.40 -20.42
C ILE D 399 17.94 -5.91 -20.38
N LEU D 400 16.65 -5.62 -20.13
CA LEU D 400 16.08 -4.26 -20.04
C LEU D 400 16.78 -3.41 -18.99
N ASN D 401 17.08 -3.99 -17.82
CA ASN D 401 17.74 -3.25 -16.76
C ASN D 401 19.22 -3.00 -16.99
N LYS D 402 19.91 -3.97 -17.61
CA LYS D 402 21.35 -3.84 -17.92
C LYS D 402 21.58 -2.83 -19.02
N HIS D 403 20.55 -2.66 -19.86
CA HIS D 403 20.53 -1.67 -20.95
C HIS D 403 20.36 -0.29 -20.33
N LEU D 404 19.44 -0.16 -19.37
CA LEU D 404 19.19 1.12 -18.69
C LEU D 404 20.37 1.60 -17.83
N GLN D 405 21.12 0.64 -17.27
CA GLN D 405 22.30 0.91 -16.44
C GLN D 405 23.46 1.47 -17.30
N ASP D 406 23.45 1.14 -18.59
CA ASP D 406 24.45 1.60 -19.54
C ASP D 406 24.03 2.97 -20.11
N LEU D 407 22.84 3.43 -19.73
CA LEU D 407 22.31 4.74 -20.16
C LEU D 407 22.50 5.80 -19.09
N MET D 408 22.38 5.38 -17.82
CA MET D 408 22.52 6.26 -16.65
C MET D 408 22.83 5.32 -15.48
N GLU D 409 23.60 5.80 -14.51
CA GLU D 409 23.98 5.00 -13.34
C GLU D 409 22.84 4.87 -12.32
N GLY D 410 22.55 3.63 -11.94
CA GLY D 410 21.51 3.37 -10.96
C GLY D 410 20.09 3.33 -11.50
N LEU D 411 19.96 3.41 -12.82
CA LEU D 411 18.67 3.40 -13.49
C LEU D 411 18.10 2.00 -13.64
N THR D 412 16.83 1.86 -13.26
CA THR D 412 16.08 0.60 -13.34
C THR D 412 14.66 0.97 -13.78
N ALA D 413 13.90 0.01 -14.33
CA ALA D 413 12.52 0.28 -14.81
C ALA D 413 11.51 0.80 -13.76
N LYS D 414 11.86 0.60 -12.50
CA LYS D 414 11.08 1.02 -11.35
C LYS D 414 11.17 2.54 -11.18
N VAL D 415 12.28 3.12 -11.66
CA VAL D 415 12.56 4.57 -11.56
C VAL D 415 11.60 5.36 -12.42
N PHE D 416 11.26 4.79 -13.58
CA PHE D 416 10.34 5.42 -14.53
C PHE D 416 8.95 5.56 -13.96
N ARG D 417 8.67 4.78 -12.91
CA ARG D 417 7.38 4.83 -12.23
C ARG D 417 7.40 5.98 -11.22
N THR D 418 8.51 6.10 -10.46
CA THR D 418 8.69 7.16 -9.46
C THR D 418 8.80 8.51 -10.15
N TYR D 419 9.51 8.55 -11.29
CA TYR D 419 9.68 9.77 -12.07
C TYR D 419 8.32 10.27 -12.61
N ASN D 420 7.65 9.44 -13.43
CA ASN D 420 6.36 9.75 -14.04
C ASN D 420 5.27 10.05 -13.05
N ALA D 421 5.53 9.78 -11.77
CA ALA D 421 4.59 10.03 -10.70
C ALA D 421 4.83 11.42 -10.13
N SER D 422 6.08 11.67 -9.74
CA SER D 422 6.49 12.93 -9.14
C SER D 422 6.43 14.15 -10.05
N ILE D 423 6.84 13.98 -11.30
CA ILE D 423 6.82 15.08 -12.29
C ILE D 423 5.36 15.42 -12.63
N THR D 424 4.48 14.42 -12.54
CA THR D 424 3.06 14.59 -12.80
C THR D 424 2.41 15.31 -11.61
N LEU D 425 2.87 15.02 -10.38
CA LEU D 425 2.32 15.67 -9.19
C LEU D 425 2.70 17.16 -9.22
N GLN D 426 3.97 17.44 -9.53
CA GLN D 426 4.48 18.81 -9.59
C GLN D 426 3.75 19.71 -10.59
N GLN D 427 3.66 19.26 -11.84
CA GLN D 427 2.98 20.02 -12.89
C GLN D 427 1.47 20.12 -12.69
N GLN D 428 0.87 19.13 -12.04
CA GLN D 428 -0.57 19.16 -11.76
C GLN D 428 -0.89 20.01 -10.53
N LEU D 429 0.13 20.29 -9.71
CA LEU D 429 -0.04 21.13 -8.53
C LEU D 429 0.01 22.60 -8.93
N LYS D 430 0.63 22.87 -10.07
CA LYS D 430 0.75 24.22 -10.61
C LYS D 430 -0.49 24.53 -11.48
N GLU D 431 -0.97 23.50 -12.19
CA GLU D 431 -2.13 23.60 -13.08
C GLU D 431 -3.47 23.63 -12.36
N LEU D 432 -3.58 22.90 -11.26
CA LEU D 432 -4.83 22.83 -10.50
C LEU D 432 -5.01 23.78 -9.31
N THR D 433 -3.95 24.47 -8.87
CA THR D 433 -4.06 25.38 -7.72
C THR D 433 -4.40 26.82 -8.11
N ALA D 434 -5.50 27.31 -7.55
CA ALA D 434 -5.99 28.66 -7.77
C ALA D 434 -5.57 29.48 -6.53
N PRO D 435 -4.74 30.54 -6.72
CA PRO D 435 -4.20 31.45 -5.69
C PRO D 435 -5.20 32.20 -4.80
N ASP D 436 -6.31 32.63 -5.39
CA ASP D 436 -7.38 33.39 -4.73
C ASP D 436 -8.32 32.60 -3.81
N GLU D 437 -8.14 31.28 -3.78
CA GLU D 437 -8.95 30.38 -2.95
C GLU D 437 -8.50 30.20 -1.51
N ASN D 438 -9.38 29.65 -0.68
CA ASN D 438 -9.12 29.39 0.73
C ASN D 438 -8.29 28.12 0.90
N ILE D 439 -7.86 27.86 2.13
CA ILE D 439 -7.05 26.67 2.47
C ILE D 439 -7.80 25.32 2.28
N PRO D 440 -9.11 25.19 2.66
CA PRO D 440 -9.77 23.90 2.45
C PRO D 440 -10.02 23.57 0.97
N ALA D 441 -10.12 24.60 0.14
CA ALA D 441 -10.34 24.44 -1.31
C ALA D 441 -9.05 24.06 -2.03
N LYS D 442 -7.91 24.36 -1.40
CA LYS D 442 -6.60 24.05 -1.95
C LYS D 442 -6.25 22.58 -1.75
N ILE D 443 -6.80 21.98 -0.70
CA ILE D 443 -6.58 20.57 -0.39
C ILE D 443 -7.36 19.71 -1.39
N LEU D 444 -8.45 20.29 -1.91
CA LEU D 444 -9.31 19.66 -2.92
C LEU D 444 -8.53 19.65 -4.23
N SER D 445 -7.76 20.73 -4.45
CA SER D 445 -6.93 20.85 -5.63
C SER D 445 -5.70 19.93 -5.52
N TYR D 446 -5.26 19.69 -4.28
CA TYR D 446 -4.11 18.80 -3.99
C TYR D 446 -4.54 17.37 -4.26
N ASN D 447 -5.73 17.01 -3.79
CA ASN D 447 -6.27 15.68 -3.97
C ASN D 447 -6.64 15.36 -5.42
N ARG D 448 -6.79 16.40 -6.24
CA ARG D 448 -7.08 16.25 -7.66
C ARG D 448 -5.79 15.88 -8.40
N ALA D 449 -4.68 16.43 -7.91
CA ALA D 449 -3.34 16.19 -8.46
C ALA D 449 -2.87 14.80 -8.06
N ASN D 450 -3.17 14.44 -6.80
CA ASN D 450 -2.82 13.15 -6.20
C ASN D 450 -3.74 12.06 -6.77
N ARG D 451 -4.80 12.48 -7.47
CA ARG D 451 -5.76 11.58 -8.11
C ARG D 451 -5.20 11.15 -9.47
N ALA D 452 -4.56 12.11 -10.13
CA ALA D 452 -3.94 11.92 -11.45
C ALA D 452 -2.78 10.93 -11.44
N VAL D 453 -2.18 10.74 -10.26
CA VAL D 453 -1.05 9.82 -10.07
C VAL D 453 -1.59 8.40 -9.84
N ALA D 454 -2.81 8.31 -9.32
CA ALA D 454 -3.46 7.03 -9.08
C ALA D 454 -4.15 6.56 -10.38
N ILE D 455 -4.38 7.53 -11.28
CA ILE D 455 -4.97 7.28 -12.61
C ILE D 455 -3.76 7.37 -13.55
N LEU D 456 -2.81 6.45 -13.31
CA LEU D 456 -1.56 6.29 -14.06
C LEU D 456 -0.93 5.00 -13.56
N CYS D 457 -0.76 4.92 -12.24
CA CYS D 457 -0.17 3.76 -11.58
C CYS D 457 -1.18 2.63 -11.31
N ASN D 458 -2.45 2.89 -11.63
CA ASN D 458 -3.59 1.97 -11.47
C ASN D 458 -3.82 1.48 -10.02
N HIS D 459 -3.99 2.45 -9.11
CA HIS D 459 -4.25 2.17 -7.70
C HIS D 459 -5.75 2.42 -7.54
N GLN D 460 -6.49 1.38 -7.11
CA GLN D 460 -7.95 1.49 -7.00
C GLN D 460 -8.69 0.98 -5.75
N ARG D 461 -9.93 1.48 -5.61
CA ARG D 461 -10.91 1.19 -4.56
C ARG D 461 -10.68 1.61 -3.09
N ALA D 462 -11.53 2.52 -2.63
CA ALA D 462 -11.56 3.06 -1.25
C ALA D 462 -13.01 2.76 -0.81
N PRO D 463 -13.24 1.81 0.15
CA PRO D 463 -14.54 1.33 0.70
C PRO D 463 -15.89 1.75 0.05
N PRO D 464 -16.19 1.23 -1.17
CA PRO D 464 -17.44 1.57 -1.88
C PRO D 464 -18.75 0.92 -1.39
N LYS D 465 -18.68 0.12 -0.33
CA LYS D 465 -19.85 -0.56 0.25
C LYS D 465 -20.64 0.28 1.25
N THR D 466 -19.93 1.04 2.08
CA THR D 466 -20.53 1.94 3.09
C THR D 466 -20.78 3.31 2.44
N PHE D 467 -20.08 3.53 1.32
CA PHE D 467 -20.16 4.75 0.52
C PHE D 467 -21.35 4.61 -0.45
N GLU D 468 -22.52 4.93 0.08
CA GLU D 468 -23.80 4.87 -0.63
C GLU D 468 -24.80 5.49 0.32
N LYS D 469 -24.68 5.09 1.59
CA LYS D 469 -25.53 5.55 2.69
C LYS D 469 -24.89 6.77 3.37
N SER D 470 -23.58 6.68 3.60
CA SER D 470 -22.78 7.72 4.26
C SER D 470 -22.61 9.01 3.44
N MET D 471 -22.70 8.89 2.12
CA MET D 471 -22.57 10.03 1.22
C MET D 471 -23.90 10.79 1.16
N MET D 472 -25.00 10.04 1.20
CA MET D 472 -26.36 10.61 1.19
C MET D 472 -26.73 11.17 2.56
N ASN D 473 -25.93 10.83 3.57
CA ASN D 473 -26.14 11.30 4.94
C ASN D 473 -25.13 12.41 5.29
N LEU D 474 -24.25 12.72 4.34
CA LEU D 474 -23.25 13.78 4.46
C LEU D 474 -23.84 14.99 3.71
N GLN D 475 -24.75 14.68 2.77
CA GLN D 475 -25.44 15.65 1.94
C GLN D 475 -26.55 16.37 2.71
N THR D 476 -27.11 15.67 3.71
CA THR D 476 -28.18 16.22 4.56
C THR D 476 -27.62 17.11 5.69
N LYS D 477 -26.29 17.19 5.78
CA LYS D 477 -25.60 17.99 6.78
C LYS D 477 -25.04 19.27 6.15
N ILE D 478 -25.06 19.32 4.82
CA ILE D 478 -24.61 20.48 4.02
C ILE D 478 -25.81 21.40 3.83
N ASP D 479 -26.97 20.78 3.67
CA ASP D 479 -28.24 21.49 3.50
C ASP D 479 -28.72 22.10 4.82
N ALA D 480 -28.21 21.55 5.92
CA ALA D 480 -28.52 22.01 7.27
C ALA D 480 -27.71 23.26 7.64
N LYS D 481 -26.66 23.55 6.89
CA LYS D 481 -25.82 24.72 7.11
C LYS D 481 -26.05 25.77 6.02
N LYS D 482 -26.81 25.39 4.98
CA LYS D 482 -27.17 26.27 3.86
C LYS D 482 -28.29 27.21 4.31
N GLU D 483 -29.09 26.71 5.26
CA GLU D 483 -30.22 27.42 5.85
C GLU D 483 -29.74 28.52 6.78
N GLN D 484 -28.64 28.26 7.50
CA GLN D 484 -28.03 29.20 8.43
C GLN D 484 -27.38 30.39 7.73
N LEU D 485 -26.86 30.15 6.52
CA LEU D 485 -26.23 31.16 5.68
C LEU D 485 -27.33 32.02 5.07
N ALA D 486 -28.45 31.38 4.70
CA ALA D 486 -29.61 32.05 4.11
C ALA D 486 -30.32 32.93 5.14
N ASP D 487 -30.29 32.48 6.40
CA ASP D 487 -30.90 33.21 7.52
C ASP D 487 -30.02 34.38 7.96
N ALA D 488 -28.75 34.33 7.54
CA ALA D 488 -27.77 35.36 7.84
C ALA D 488 -27.87 36.45 6.78
N ARG D 489 -28.13 36.03 5.53
CA ARG D 489 -28.29 36.94 4.40
C ARG D 489 -29.61 37.70 4.48
N ARG D 490 -30.52 37.16 5.30
CA ARG D 490 -31.84 37.74 5.56
C ARG D 490 -31.70 38.83 6.61
N ASP D 491 -30.80 38.59 7.57
CA ASP D 491 -30.52 39.51 8.68
C ASP D 491 -29.62 40.69 8.29
N LEU D 492 -28.88 40.52 7.20
CA LEU D 492 -27.99 41.57 6.68
C LEU D 492 -28.81 42.46 5.74
N LYS D 493 -29.84 41.88 5.11
CA LYS D 493 -30.75 42.59 4.20
C LYS D 493 -31.73 43.44 5.03
N SER D 494 -31.93 43.03 6.28
CA SER D 494 -32.80 43.73 7.23
C SER D 494 -32.05 44.94 7.77
N ALA D 495 -30.75 44.76 7.96
CA ALA D 495 -29.86 45.81 8.47
C ALA D 495 -29.52 46.87 7.40
N LYS D 496 -29.55 46.47 6.12
CA LYS D 496 -29.29 47.36 4.98
C LYS D 496 -30.52 48.22 4.69
N ALA D 497 -31.67 47.76 5.18
CA ALA D 497 -32.95 48.44 5.01
C ALA D 497 -33.33 49.28 6.23
N ASP D 498 -32.67 49.02 7.36
CA ASP D 498 -32.93 49.76 8.60
C ASP D 498 -31.86 50.83 8.85
N ALA D 499 -30.81 50.82 8.04
CA ALA D 499 -29.72 51.80 8.15
C ALA D 499 -30.12 53.09 7.43
N LYS D 500 -31.23 53.03 6.69
CA LYS D 500 -31.76 54.16 5.92
C LYS D 500 -32.83 54.95 6.70
N VAL D 501 -33.79 54.22 7.29
CA VAL D 501 -34.88 54.83 8.05
C VAL D 501 -34.57 55.25 9.49
N MET D 502 -33.51 54.68 10.07
CA MET D 502 -33.10 55.00 11.44
C MET D 502 -31.64 55.46 11.47
N LYS D 503 -31.26 56.19 10.41
CA LYS D 503 -29.93 56.78 10.16
C LYS D 503 -28.64 55.95 10.29
N ASP D 504 -27.58 56.41 9.62
CA ASP D 504 -26.26 55.75 9.62
C ASP D 504 -25.43 56.13 10.85
N ALA D 505 -24.20 55.62 10.94
CA ALA D 505 -23.24 55.81 12.07
C ALA D 505 -23.82 55.17 13.34
N LYS D 506 -24.94 55.73 13.80
CA LYS D 506 -25.70 55.25 14.95
C LYS D 506 -26.66 54.24 14.28
N THR D 507 -26.60 52.98 14.74
CA THR D 507 -27.38 51.82 14.25
C THR D 507 -26.89 51.36 12.85
N LYS D 508 -25.56 51.40 12.67
CA LYS D 508 -24.90 50.97 11.43
C LYS D 508 -23.83 49.95 11.81
N LYS D 509 -23.56 49.84 13.12
CA LYS D 509 -22.59 48.89 13.65
C LYS D 509 -23.17 47.47 13.64
N VAL D 510 -24.47 47.39 13.35
CA VAL D 510 -25.22 46.13 13.26
C VAL D 510 -25.02 45.55 11.85
N VAL D 511 -24.82 46.44 10.86
CA VAL D 511 -24.59 46.07 9.46
C VAL D 511 -23.14 45.58 9.27
N GLU D 512 -22.30 45.94 10.25
CA GLU D 512 -20.88 45.59 10.27
C GLU D 512 -20.66 44.17 10.81
N SER D 513 -21.26 43.86 11.97
CA SER D 513 -21.12 42.54 12.61
C SER D 513 -21.89 41.40 11.93
N LYS D 514 -22.91 41.76 11.15
CA LYS D 514 -23.71 40.78 10.42
C LYS D 514 -23.23 40.60 8.97
N LYS D 515 -22.11 41.24 8.65
CA LYS D 515 -21.47 41.16 7.34
C LYS D 515 -20.24 40.26 7.50
N LYS D 516 -19.81 40.11 8.75
CA LYS D 516 -18.67 39.27 9.15
C LYS D 516 -19.22 37.89 9.53
N ALA D 517 -20.53 37.84 9.81
CA ALA D 517 -21.24 36.62 10.18
C ALA D 517 -21.56 35.81 8.92
N VAL D 518 -21.78 36.54 7.82
CA VAL D 518 -22.07 35.93 6.52
C VAL D 518 -20.75 35.36 6.00
N GLN D 519 -19.65 36.11 6.23
CA GLN D 519 -18.31 35.68 5.82
C GLN D 519 -17.82 34.47 6.60
N ARG D 520 -18.20 34.36 7.87
CA ARG D 520 -17.82 33.22 8.72
C ARG D 520 -18.59 31.96 8.29
N LEU D 521 -19.77 32.16 7.72
CA LEU D 521 -20.65 31.09 7.25
C LEU D 521 -20.43 30.74 5.77
N GLU D 522 -19.80 31.65 5.01
CA GLU D 522 -19.51 31.45 3.58
C GLU D 522 -18.43 30.38 3.40
N GLU D 523 -17.30 30.56 4.08
CA GLU D 523 -16.17 29.64 4.01
C GLU D 523 -16.35 28.34 4.80
N GLN D 524 -17.38 28.31 5.63
CA GLN D 524 -17.74 27.14 6.45
C GLN D 524 -18.51 26.15 5.57
N LEU D 525 -19.23 26.70 4.59
CA LEU D 525 -20.02 25.93 3.62
C LEU D 525 -19.09 25.50 2.48
N MET D 526 -18.15 26.38 2.13
CA MET D 526 -17.17 26.10 1.08
C MET D 526 -16.07 25.17 1.59
N LYS D 527 -16.34 24.53 2.73
CA LYS D 527 -15.46 23.56 3.36
C LYS D 527 -16.20 22.23 3.27
N LEU D 528 -17.48 22.24 3.65
CA LEU D 528 -18.35 21.08 3.64
C LEU D 528 -18.69 20.58 2.24
N GLU D 529 -18.94 21.53 1.32
CA GLU D 529 -19.27 21.22 -0.08
C GLU D 529 -18.01 20.78 -0.82
N VAL D 530 -16.86 21.21 -0.32
CA VAL D 530 -15.55 20.85 -0.90
C VAL D 530 -15.15 19.44 -0.45
N GLN D 531 -15.50 19.08 0.78
CA GLN D 531 -15.19 17.74 1.32
C GLN D 531 -16.15 16.69 0.74
N ALA D 532 -17.20 17.17 0.06
CA ALA D 532 -18.20 16.32 -0.58
C ALA D 532 -17.75 15.94 -1.98
N THR D 533 -17.19 16.91 -2.70
CA THR D 533 -16.69 16.72 -4.07
C THR D 533 -15.40 15.88 -4.01
N ASP D 534 -14.69 16.01 -2.90
CA ASP D 534 -13.44 15.30 -2.60
C ASP D 534 -13.71 13.81 -2.38
N ARG D 535 -14.73 13.53 -1.57
CA ARG D 535 -15.11 12.15 -1.23
C ARG D 535 -15.81 11.42 -2.41
N GLU D 536 -16.55 12.17 -3.23
CA GLU D 536 -17.26 11.62 -4.39
C GLU D 536 -16.35 11.21 -5.54
N GLU D 537 -15.17 11.85 -5.59
CA GLU D 537 -14.18 11.58 -6.62
C GLU D 537 -13.17 10.49 -6.25
N ASN D 538 -13.22 10.02 -4.99
CA ASN D 538 -12.35 8.95 -4.51
C ASN D 538 -13.14 7.64 -4.36
N LYS D 539 -13.94 7.36 -5.39
CA LYS D 539 -14.79 6.18 -5.47
C LYS D 539 -13.95 4.92 -5.78
N GLN D 540 -13.39 4.86 -6.99
CA GLN D 540 -12.56 3.74 -7.44
C GLN D 540 -11.08 4.14 -7.53
N ILE D 541 -10.65 5.03 -6.63
CA ILE D 541 -9.29 5.56 -6.58
C ILE D 541 -8.71 5.33 -5.17
N ALA D 542 -7.42 4.98 -5.10
CA ALA D 542 -6.72 4.77 -3.84
C ALA D 542 -5.50 5.66 -3.79
N LEU D 543 -5.59 6.70 -2.97
CA LEU D 543 -4.54 7.71 -2.79
C LEU D 543 -3.31 7.21 -2.02
N GLY D 544 -3.53 6.21 -1.16
CA GLY D 544 -2.50 5.64 -0.30
C GLY D 544 -1.12 5.23 -0.81
N THR D 545 -1.03 4.16 -1.63
CA THR D 545 0.24 3.64 -2.17
C THR D 545 1.07 4.66 -2.93
N SER D 546 0.41 5.61 -3.59
CA SER D 546 1.10 6.65 -4.34
C SER D 546 1.61 7.74 -3.42
N LYS D 547 0.80 8.09 -2.41
CA LYS D 547 1.09 9.13 -1.40
C LYS D 547 2.29 8.79 -0.51
N LEU D 548 2.50 7.49 -0.28
CA LEU D 548 3.58 7.02 0.58
C LEU D 548 4.77 6.41 -0.13
N ASN D 549 4.58 5.88 -1.34
CA ASN D 549 5.67 5.23 -2.08
C ASN D 549 6.18 5.83 -3.39
N PTR D 550 5.34 6.50 -4.15
CA PTR D 550 5.78 7.06 -5.46
C PTR D 550 6.11 8.53 -5.59
O PTR D 550 6.95 8.89 -6.43
CB PTR D 550 4.78 6.67 -6.55
CG PTR D 550 4.78 5.20 -6.81
CD1 PTR D 550 3.78 4.37 -6.26
CD2 PTR D 550 5.84 4.58 -7.50
CE1 PTR D 550 3.84 2.96 -6.38
CE2 PTR D 550 5.91 3.18 -7.63
CZ PTR D 550 4.92 2.37 -7.07
OH PTR D 550 5.07 1.00 -7.20
P PTR D 550 3.98 -0.08 -6.78
O1P PTR D 550 2.60 0.27 -7.18
O2P PTR D 550 4.50 -1.43 -7.14
O3P PTR D 550 4.02 -0.10 -5.18
N LEU D 551 5.48 9.36 -4.77
CA LEU D 551 5.65 10.82 -4.80
C LEU D 551 6.68 11.37 -3.84
N ASP D 552 7.52 12.29 -4.34
CA ASP D 552 8.57 12.96 -3.55
C ASP D 552 7.88 13.91 -2.58
N PRO D 553 8.10 13.70 -1.27
CA PRO D 553 7.50 14.54 -0.21
C PRO D 553 7.91 16.00 -0.21
N ARG D 554 9.05 16.28 -0.83
CA ARG D 554 9.55 17.63 -0.92
C ARG D 554 8.66 18.48 -1.82
N ILE D 555 8.10 17.87 -2.86
CA ILE D 555 7.20 18.56 -3.80
C ILE D 555 5.98 19.09 -3.04
N THR D 556 5.52 18.30 -2.09
CA THR D 556 4.36 18.64 -1.26
C THR D 556 4.74 19.71 -0.22
N VAL D 557 5.90 19.57 0.42
CA VAL D 557 6.38 20.52 1.42
C VAL D 557 6.67 21.87 0.77
N ALA D 558 7.03 21.84 -0.51
CA ALA D 558 7.33 23.03 -1.29
C ALA D 558 6.06 23.73 -1.76
N TRP D 559 4.94 23.01 -1.68
CA TRP D 559 3.65 23.52 -2.07
C TRP D 559 2.94 24.05 -0.80
N CYS D 560 3.17 23.38 0.32
CA CYS D 560 2.59 23.76 1.61
C CYS D 560 3.18 25.06 2.17
N LYS D 561 4.48 25.26 1.93
CA LYS D 561 5.19 26.45 2.39
C LYS D 561 4.98 27.65 1.45
N LYS D 562 4.53 27.34 0.22
CA LYS D 562 4.26 28.34 -0.82
C LYS D 562 2.87 28.94 -0.64
N TRP D 563 1.87 28.09 -0.51
CA TRP D 563 0.49 28.53 -0.35
C TRP D 563 -0.02 28.62 1.08
N GLY D 564 0.90 28.59 2.03
CA GLY D 564 0.56 28.68 3.44
C GLY D 564 -0.38 27.63 4.01
N VAL D 565 -0.49 26.48 3.32
CA VAL D 565 -1.36 25.38 3.74
C VAL D 565 -0.59 24.55 4.76
N PRO D 566 -1.11 24.44 6.01
CA PRO D 566 -0.44 23.66 7.04
C PRO D 566 -0.21 22.17 6.70
N ILE D 567 1.00 21.71 7.00
CA ILE D 567 1.45 20.34 6.77
C ILE D 567 0.58 19.23 7.36
N GLU D 568 -0.05 19.51 8.51
CA GLU D 568 -0.93 18.55 9.18
C GLU D 568 -2.28 18.35 8.49
N LYS D 569 -2.63 19.29 7.60
CA LYS D 569 -3.86 19.23 6.83
C LYS D 569 -3.68 18.43 5.52
N ILE D 570 -2.51 17.78 5.39
CA ILE D 570 -2.14 16.92 4.24
C ILE D 570 -1.58 15.58 4.77
N TYR D 571 -0.48 15.65 5.50
CA TYR D 571 0.16 14.47 6.09
C TYR D 571 -0.27 14.31 7.55
N ASN D 572 -0.56 13.06 7.96
CA ASN D 572 -0.95 12.80 9.35
C ASN D 572 0.33 12.65 10.20
N LYS D 573 0.20 12.21 11.45
CA LYS D 573 1.36 12.05 12.35
C LYS D 573 2.44 11.11 11.85
N THR D 574 2.05 9.89 11.44
CA THR D 574 3.03 8.92 10.94
C THR D 574 3.64 9.23 9.58
N GLN D 575 2.94 10.04 8.79
CA GLN D 575 3.43 10.44 7.48
C GLN D 575 4.44 11.57 7.66
N ARG D 576 4.13 12.47 8.60
CA ARG D 576 4.98 13.59 8.97
C ARG D 576 6.24 13.05 9.64
N GLU D 577 6.08 11.92 10.36
CA GLU D 577 7.16 11.22 11.06
C GLU D 577 8.10 10.54 10.05
N LYS D 578 7.50 9.98 9.00
CA LYS D 578 8.22 9.30 7.92
C LYS D 578 9.00 10.30 7.07
N PHE D 579 8.34 11.40 6.74
CA PHE D 579 8.89 12.45 5.88
C PHE D 579 9.53 13.67 6.56
N ALA D 580 10.08 13.48 7.76
CA ALA D 580 10.74 14.55 8.50
C ALA D 580 11.94 15.13 7.77
N TRP D 581 12.51 14.33 6.86
CA TRP D 581 13.65 14.76 6.06
C TRP D 581 13.23 15.75 5.00
N ALA D 582 11.95 15.69 4.61
CA ALA D 582 11.39 16.59 3.62
C ALA D 582 10.94 17.90 4.21
N ILE D 583 10.31 17.82 5.38
CA ILE D 583 9.78 18.98 6.10
C ILE D 583 10.87 19.98 6.54
N ASP D 584 12.06 19.44 6.83
CA ASP D 584 13.20 20.26 7.25
C ASP D 584 13.96 20.79 6.04
N MET D 585 14.34 19.88 5.13
CA MET D 585 15.06 20.24 3.89
C MET D 585 14.08 20.82 2.87
N ALA D 586 14.63 21.38 1.79
CA ALA D 586 13.85 21.95 0.68
C ALA D 586 12.65 22.84 0.99
N ASP D 587 12.83 24.15 0.75
CA ASP D 587 11.83 25.19 0.98
C ASP D 587 10.83 25.37 -0.18
N GLU D 588 10.09 26.49 -0.19
CA GLU D 588 9.09 26.80 -1.22
C GLU D 588 9.59 26.90 -2.66
N ASP D 589 10.89 27.18 -2.79
CA ASP D 589 11.55 27.32 -4.08
C ASP D 589 12.04 26.00 -4.68
N TYR D 590 11.62 24.87 -4.08
CA TYR D 590 12.04 23.56 -4.55
C TYR D 590 11.33 23.09 -5.82
N GLU D 591 12.14 22.75 -6.80
CA GLU D 591 11.69 22.23 -8.08
C GLU D 591 12.28 20.83 -8.13
N PHE D 592 11.48 19.85 -8.54
CA PHE D 592 11.91 18.46 -8.64
C PHE D 592 12.99 18.37 -9.75
C1 M38 E . 1.84 -3.48 1.25
C2 M38 E . 2.09 -2.23 0.61
C3 M38 E . 3.03 -1.32 1.17
C4 M38 E . 3.73 -1.66 2.35
C5 M38 E . 3.51 -2.91 3.02
C6 M38 E . 2.55 -3.84 2.45
C7 M38 E . 2.31 -5.19 3.15
C8 M38 E . 3.00 -5.50 4.29
C9 M38 E . 4.27 -3.30 4.31
N10 M38 E . 4.01 -4.57 4.92
C11 M38 E . 1.36 -6.28 2.73
C12 M38 E . 1.55 -7.33 3.75
C13 M38 E . 2.53 -6.89 4.70
C14 M38 E . 0.91 -8.62 3.87
C15 M38 E . 1.27 -9.47 4.96
C16 M38 E . 2.24 -9.05 5.92
C17 M38 E . 2.88 -7.78 5.81
O18 M38 E . 0.58 -6.32 1.76
O19 M38 E . 4.18 -4.37 10.84
O20 M38 E . 2.17 -4.45 9.91
O21 M38 E . 5.10 -2.51 4.79
C22 M38 E . 4.78 -4.94 6.18
C23 M38 E . 4.26 -4.26 7.46
C24 M38 E . 3.42 -4.65 9.88
C25 M38 E . 4.06 -5.26 8.63
O1 PG4 F . -11.85 -12.08 -19.40
C1 PG4 F . -10.48 -12.35 -19.59
C2 PG4 F . -9.83 -11.20 -20.38
O2 PG4 F . -8.89 -11.72 -21.31
C3 PG4 F . -7.61 -11.14 -21.23
C4 PG4 F . -6.56 -12.22 -21.43
O3 PG4 F . -6.42 -12.95 -20.23
C5 PG4 F . -5.94 -14.27 -20.40
C6 PG4 F . -5.43 -14.81 -19.07
O4 PG4 F . -4.30 -14.06 -18.66
C7 PG4 F . -4.13 -14.00 -17.26
C8 PG4 F . -3.02 -13.00 -16.90
O5 PG4 F . -3.57 -11.71 -16.79
#